data_1KJN
#
_entry.id   1KJN
#
_cell.length_a   75.590
_cell.length_b   62.280
_cell.length_c   68.840
_cell.angle_alpha   90.00
_cell.angle_beta   90.00
_cell.angle_gamma   90.00
#
_symmetry.space_group_name_H-M   'P 21 21 2'
#
loop_
_entity.id
_entity.type
_entity.pdbx_description
1 polymer MTH0777
2 water water
#
_entity_poly.entity_id   1
_entity_poly.type   'polypeptide(L)'
_entity_poly.pdbx_seq_one_letter_code
;MKTESTGKAL(MSE)VLGCPESPVQIPLAIYTSHKLKKKGFRVTVTANPAALRLVQVADPEGIYTDE(MSE)VDLESCIN
ELAEGDYEFLAGFVPNDAAAAYLVTFAGILNTETLAIIFDRDADVLEELVNEI(MSE)ETLDAEIIAARAHHNPAPLRVR
IDRF(MSE)EEKP
;
_entity_poly.pdbx_strand_id   A,B
#
# COMPACT_ATOMS: atom_id res chain seq x y z
N THR A 6 -10.91 -23.84 6.73
CA THR A 6 -10.75 -24.19 8.18
C THR A 6 -9.28 -24.08 8.60
N GLY A 7 -8.39 -24.01 7.60
CA GLY A 7 -6.97 -23.93 7.87
C GLY A 7 -6.41 -22.54 8.06
N LYS A 8 -5.09 -22.50 8.18
CA LYS A 8 -4.36 -21.26 8.40
C LYS A 8 -3.30 -21.09 7.33
N ALA A 9 -3.08 -19.85 6.95
CA ALA A 9 -2.08 -19.55 5.94
C ALA A 9 -1.10 -18.53 6.48
N LEU A 10 0.16 -18.68 6.11
CA LEU A 10 1.19 -17.74 6.53
C LEU A 10 1.69 -17.03 5.28
N VAL A 12 4.53 -14.33 3.91
CA VAL A 12 5.84 -13.74 4.19
C VAL A 12 6.14 -12.60 3.25
N LEU A 13 6.54 -11.45 3.80
CA LEU A 13 6.85 -10.28 2.99
C LEU A 13 8.32 -9.88 3.03
N GLY A 14 8.77 -9.29 1.93
CA GLY A 14 10.15 -8.84 1.82
C GLY A 14 10.27 -7.36 2.16
N CYS A 15 11.47 -6.81 2.08
CA CYS A 15 11.67 -5.40 2.38
C CYS A 15 10.74 -4.61 1.43
N PRO A 16 10.01 -3.64 1.98
CA PRO A 16 9.10 -2.83 1.18
C PRO A 16 9.84 -1.70 0.44
N GLU A 17 9.88 -1.81 -0.88
CA GLU A 17 10.51 -0.81 -1.74
C GLU A 17 9.49 -0.55 -2.85
N SER A 18 9.11 -1.61 -3.56
CA SER A 18 8.16 -1.50 -4.65
C SER A 18 6.77 -1.24 -4.08
N PRO A 19 6.12 -0.18 -4.56
CA PRO A 19 4.78 0.15 -4.10
C PRO A 19 3.71 -0.91 -4.33
N VAL A 20 4.00 -1.93 -5.14
CA VAL A 20 2.99 -2.97 -5.35
C VAL A 20 2.92 -4.01 -4.26
N GLN A 21 3.99 -4.13 -3.45
CA GLN A 21 4.03 -5.19 -2.44
C GLN A 21 2.96 -5.21 -1.36
N ILE A 22 2.93 -4.19 -0.50
CA ILE A 22 1.93 -4.16 0.56
C ILE A 22 0.51 -4.31 -0.01
N PRO A 23 0.14 -3.52 -1.02
CA PRO A 23 -1.21 -3.64 -1.58
C PRO A 23 -1.56 -5.06 -2.04
N LEU A 24 -0.64 -5.69 -2.78
CA LEU A 24 -0.85 -7.06 -3.25
C LEU A 24 -0.86 -8.10 -2.12
N ALA A 25 -0.10 -7.84 -1.07
CA ALA A 25 -0.06 -8.73 0.08
C ALA A 25 -1.46 -8.75 0.70
N ILE A 26 -2.04 -7.56 0.84
CA ILE A 26 -3.36 -7.43 1.42
C ILE A 26 -4.39 -8.04 0.47
N TYR A 27 -4.22 -7.85 -0.84
CA TYR A 27 -5.13 -8.40 -1.84
C TYR A 27 -5.13 -9.93 -1.79
N THR A 28 -3.95 -10.52 -1.72
CA THR A 28 -3.80 -11.97 -1.67
C THR A 28 -4.38 -12.51 -0.36
N SER A 29 -4.16 -11.81 0.76
CA SER A 29 -4.68 -12.26 2.05
C SER A 29 -6.21 -12.26 2.05
N HIS A 30 -6.79 -11.26 1.40
CA HIS A 30 -8.22 -11.17 1.29
C HIS A 30 -8.72 -12.35 0.46
N LYS A 31 -7.99 -12.69 -0.60
CA LYS A 31 -8.39 -13.82 -1.44
C LYS A 31 -8.41 -15.10 -0.61
N LEU A 32 -7.40 -15.28 0.24
CA LEU A 32 -7.29 -16.45 1.07
C LEU A 32 -8.39 -16.51 2.13
N LYS A 33 -8.73 -15.36 2.71
CA LYS A 33 -9.78 -15.30 3.72
C LYS A 33 -11.14 -15.60 3.09
N LYS A 34 -11.25 -15.30 1.80
CA LYS A 34 -12.45 -15.54 1.03
C LYS A 34 -12.59 -17.05 0.92
N LYS A 35 -11.46 -17.75 0.93
CA LYS A 35 -11.46 -19.21 0.85
C LYS A 35 -11.60 -19.89 2.23
N GLY A 36 -11.78 -19.11 3.29
CA GLY A 36 -11.93 -19.67 4.63
C GLY A 36 -10.72 -19.64 5.53
N PHE A 37 -9.56 -19.36 4.94
CA PHE A 37 -8.31 -19.30 5.67
C PHE A 37 -8.22 -18.19 6.70
N ARG A 38 -7.44 -18.46 7.75
CA ARG A 38 -7.14 -17.45 8.76
C ARG A 38 -5.74 -17.07 8.26
N VAL A 39 -5.48 -15.79 8.01
CA VAL A 39 -4.17 -15.42 7.48
C VAL A 39 -3.27 -14.66 8.42
N THR A 40 -2.05 -15.18 8.55
CA THR A 40 -1.06 -14.52 9.39
C THR A 40 -0.03 -13.90 8.46
N VAL A 41 0.28 -12.63 8.68
CA VAL A 41 1.28 -11.93 7.88
C VAL A 41 2.55 -11.77 8.74
N THR A 42 3.71 -12.05 8.16
CA THR A 42 4.96 -11.91 8.90
C THR A 42 5.97 -11.17 8.02
N ALA A 43 6.64 -10.18 8.60
CA ALA A 43 7.61 -9.37 7.88
C ALA A 43 8.39 -8.46 8.82
N ASN A 44 9.24 -7.59 8.24
CA ASN A 44 10.08 -6.67 9.00
C ASN A 44 9.21 -5.51 9.51
N PRO A 45 9.70 -4.75 10.50
CA PRO A 45 8.93 -3.63 11.06
C PRO A 45 8.29 -2.68 10.04
N ALA A 46 9.06 -2.17 9.10
CA ALA A 46 8.51 -1.25 8.10
C ALA A 46 7.33 -1.89 7.37
N ALA A 47 7.55 -3.10 6.86
CA ALA A 47 6.50 -3.82 6.13
C ALA A 47 5.21 -4.01 6.95
N LEU A 48 5.34 -4.49 8.20
CA LEU A 48 4.17 -4.70 9.05
C LEU A 48 3.43 -3.41 9.31
N ARG A 49 4.19 -2.32 9.48
CA ARG A 49 3.55 -1.01 9.73
C ARG A 49 2.80 -0.52 8.51
N LEU A 50 3.28 -0.87 7.32
CA LEU A 50 2.59 -0.42 6.11
C LEU A 50 1.24 -1.13 5.98
N VAL A 51 1.25 -2.43 6.31
CA VAL A 51 0.05 -3.24 6.25
C VAL A 51 -0.97 -2.70 7.24
N GLN A 52 -0.53 -2.39 8.46
CA GLN A 52 -1.42 -1.87 9.50
C GLN A 52 -2.06 -0.52 9.14
N VAL A 53 -1.29 0.37 8.50
CA VAL A 53 -1.88 1.64 8.13
C VAL A 53 -2.77 1.50 6.88
N ALA A 54 -2.47 0.53 6.01
CA ALA A 54 -3.29 0.32 4.81
C ALA A 54 -4.62 -0.41 5.09
N ASP A 55 -4.70 -1.07 6.24
CA ASP A 55 -5.88 -1.82 6.65
C ASP A 55 -6.02 -1.51 8.15
N PRO A 56 -6.31 -0.24 8.49
CA PRO A 56 -6.46 0.18 9.89
C PRO A 56 -7.45 -0.59 10.73
N GLU A 57 -8.46 -1.21 10.11
CA GLU A 57 -9.43 -1.98 10.89
C GLU A 57 -9.12 -3.48 10.99
N GLY A 58 -8.02 -3.91 10.35
CA GLY A 58 -7.67 -5.32 10.41
C GLY A 58 -8.71 -6.23 9.75
N ILE A 59 -9.29 -5.73 8.65
CA ILE A 59 -10.33 -6.43 7.90
C ILE A 59 -9.80 -7.49 6.93
N TYR A 60 -8.62 -7.27 6.37
CA TYR A 60 -8.06 -8.19 5.38
C TYR A 60 -6.98 -9.19 5.83
N THR A 61 -6.60 -9.12 7.09
CA THR A 61 -5.61 -10.05 7.66
C THR A 61 -6.09 -10.38 9.07
N ASP A 62 -5.59 -11.48 9.63
CA ASP A 62 -6.04 -11.88 10.96
C ASP A 62 -5.02 -11.69 12.07
N GLU A 63 -3.76 -11.88 11.71
CA GLU A 63 -2.70 -11.77 12.67
C GLU A 63 -1.42 -11.30 11.97
N VAL A 65 2.98 -10.94 12.82
CA VAL A 65 4.11 -11.26 13.69
C VAL A 65 5.42 -10.91 12.99
N ASP A 66 6.40 -10.42 13.76
CA ASP A 66 7.72 -10.09 13.22
C ASP A 66 8.43 -11.34 12.68
N LEU A 67 9.26 -11.18 11.64
CA LEU A 67 9.95 -12.33 11.04
C LEU A 67 10.67 -13.25 12.00
N GLU A 68 11.54 -12.68 12.83
CA GLU A 68 12.31 -13.49 13.78
C GLU A 68 11.44 -14.15 14.84
N SER A 69 10.42 -13.42 15.30
CA SER A 69 9.52 -14.01 16.30
C SER A 69 8.79 -15.19 15.70
N CYS A 70 8.33 -15.05 14.45
CA CYS A 70 7.62 -16.14 13.79
C CYS A 70 8.55 -17.34 13.62
N ILE A 71 9.77 -17.08 13.16
CA ILE A 71 10.77 -18.12 12.96
C ILE A 71 11.05 -18.86 14.25
N ASN A 72 10.92 -18.13 15.36
CA ASN A 72 11.20 -18.70 16.66
C ASN A 72 10.04 -19.50 17.26
N GLU A 73 8.85 -19.35 16.71
CA GLU A 73 7.69 -20.05 17.23
C GLU A 73 7.10 -21.10 16.28
N LEU A 74 7.49 -21.04 15.01
CA LEU A 74 6.96 -21.92 13.99
C LEU A 74 7.38 -23.41 14.07
N ALA A 75 6.43 -24.29 13.78
CA ALA A 75 6.68 -25.73 13.73
C ALA A 75 5.82 -26.30 12.62
N GLU A 76 6.22 -27.45 12.09
CA GLU A 76 5.49 -28.11 11.01
C GLU A 76 4.04 -28.35 11.46
N GLY A 77 3.10 -28.11 10.56
CA GLY A 77 1.70 -28.30 10.86
C GLY A 77 0.95 -27.06 11.32
N ASP A 78 1.66 -25.98 11.59
CA ASP A 78 0.98 -24.75 12.04
C ASP A 78 0.22 -24.03 10.92
N TYR A 79 0.50 -24.38 9.68
CA TYR A 79 -0.16 -23.75 8.54
C TYR A 79 -0.36 -24.73 7.38
N GLU A 80 -1.46 -24.58 6.66
CA GLU A 80 -1.81 -25.44 5.54
C GLU A 80 -1.37 -24.82 4.20
N PHE A 81 -0.99 -23.56 4.23
CA PHE A 81 -0.56 -22.86 3.02
C PHE A 81 0.49 -21.80 3.35
N LEU A 82 1.47 -21.65 2.47
CA LEU A 82 2.54 -20.67 2.68
C LEU A 82 2.73 -19.83 1.41
N ALA A 83 2.67 -18.51 1.58
CA ALA A 83 2.87 -17.60 0.46
C ALA A 83 3.96 -16.60 0.80
N GLY A 84 4.91 -16.47 -0.10
CA GLY A 84 6.02 -15.55 0.09
C GLY A 84 6.28 -14.63 -1.10
N PHE A 85 6.32 -13.34 -0.82
CA PHE A 85 6.61 -12.32 -1.82
C PHE A 85 8.11 -12.25 -1.89
N VAL A 86 8.65 -12.26 -3.10
CA VAL A 86 10.09 -12.29 -3.28
C VAL A 86 10.65 -11.23 -4.23
N PRO A 87 10.98 -10.05 -3.69
CA PRO A 87 11.55 -8.95 -4.48
C PRO A 87 13.07 -9.08 -4.57
N ASN A 88 13.65 -9.99 -3.79
CA ASN A 88 15.12 -10.13 -3.81
C ASN A 88 15.65 -11.37 -3.08
N ASP A 89 16.97 -11.49 -3.06
CA ASP A 89 17.68 -12.60 -2.42
C ASP A 89 17.32 -12.80 -0.96
N ALA A 90 17.30 -11.73 -0.17
CA ALA A 90 16.99 -11.87 1.24
C ALA A 90 15.61 -12.46 1.40
N ALA A 91 14.64 -11.97 0.62
CA ALA A 91 13.28 -12.46 0.71
C ALA A 91 13.20 -13.91 0.28
N ALA A 92 13.96 -14.30 -0.75
CA ALA A 92 13.93 -15.71 -1.19
C ALA A 92 14.49 -16.64 -0.10
N ALA A 93 15.54 -16.21 0.58
CA ALA A 93 16.12 -17.06 1.64
C ALA A 93 15.11 -17.26 2.76
N TYR A 94 14.39 -16.20 3.13
CA TYR A 94 13.40 -16.33 4.20
C TYR A 94 12.32 -17.33 3.79
N LEU A 95 11.84 -17.24 2.55
CA LEU A 95 10.81 -18.15 2.08
C LEU A 95 11.31 -19.59 2.15
N VAL A 96 12.59 -19.80 1.81
CA VAL A 96 13.18 -21.14 1.84
C VAL A 96 13.14 -21.67 3.27
N THR A 97 13.54 -20.83 4.22
CA THR A 97 13.56 -21.21 5.62
C THR A 97 12.15 -21.57 6.09
N PHE A 98 11.19 -20.69 5.82
CA PHE A 98 9.83 -20.95 6.25
C PHE A 98 9.25 -22.20 5.62
N ALA A 99 9.61 -22.47 4.37
CA ALA A 99 9.10 -23.64 3.67
C ALA A 99 9.68 -24.94 4.22
N GLY A 100 10.94 -24.90 4.64
CA GLY A 100 11.58 -26.09 5.19
C GLY A 100 10.94 -26.52 6.49
N ILE A 101 10.49 -25.54 7.26
CA ILE A 101 9.82 -25.77 8.52
C ILE A 101 8.37 -26.23 8.36
N LEU A 102 7.62 -25.56 7.48
CA LEU A 102 6.21 -25.90 7.27
C LEU A 102 5.91 -27.09 6.38
N ASN A 103 6.77 -27.36 5.39
CA ASN A 103 6.59 -28.52 4.50
C ASN A 103 5.14 -28.63 4.00
N THR A 104 4.60 -27.54 3.47
CA THR A 104 3.22 -27.53 3.00
C THR A 104 3.09 -26.91 1.61
N GLU A 105 1.86 -26.72 1.14
CA GLU A 105 1.64 -26.11 -0.17
C GLU A 105 2.22 -24.70 -0.08
N THR A 106 3.14 -24.41 -0.98
CA THR A 106 3.84 -23.13 -0.97
C THR A 106 3.76 -22.33 -2.27
N LEU A 107 3.74 -21.01 -2.15
CA LEU A 107 3.66 -20.13 -3.29
C LEU A 107 4.64 -18.99 -3.22
N ALA A 108 5.42 -18.83 -4.29
CA ALA A 108 6.38 -17.75 -4.38
C ALA A 108 5.85 -16.75 -5.38
N ILE A 109 5.83 -15.47 -4.99
CA ILE A 109 5.36 -14.39 -5.87
C ILE A 109 6.62 -13.51 -6.08
N ILE A 110 7.24 -13.73 -7.22
CA ILE A 110 8.48 -13.07 -7.60
C ILE A 110 8.26 -11.86 -8.49
N PHE A 111 8.89 -10.74 -8.13
CA PHE A 111 8.74 -9.53 -8.91
C PHE A 111 9.92 -8.58 -8.86
N ASP A 112 10.16 -7.94 -9.99
CA ASP A 112 11.21 -6.96 -10.19
C ASP A 112 11.01 -6.47 -11.63
N ARG A 113 11.43 -5.25 -11.94
CA ARG A 113 11.28 -4.75 -13.31
C ARG A 113 12.31 -5.33 -14.27
N ASP A 114 13.42 -5.78 -13.73
CA ASP A 114 14.49 -6.35 -14.54
C ASP A 114 14.22 -7.85 -14.74
N ALA A 115 14.02 -8.24 -16.00
CA ALA A 115 13.78 -9.65 -16.35
C ALA A 115 14.91 -10.59 -15.90
N ASP A 116 16.15 -10.10 -15.97
CA ASP A 116 17.32 -10.90 -15.56
C ASP A 116 17.25 -11.21 -14.08
N VAL A 117 16.96 -10.20 -13.28
CA VAL A 117 16.85 -10.36 -11.84
C VAL A 117 15.74 -11.37 -11.54
N LEU A 118 14.63 -11.27 -12.27
CA LEU A 118 13.53 -12.20 -12.06
C LEU A 118 13.99 -13.61 -12.34
N GLU A 119 14.76 -13.76 -13.42
CA GLU A 119 15.27 -15.07 -13.82
C GLU A 119 16.09 -15.75 -12.72
N GLU A 120 17.00 -14.99 -12.12
CA GLU A 120 17.85 -15.51 -11.05
C GLU A 120 16.99 -15.93 -9.87
N LEU A 121 16.02 -15.09 -9.50
CA LEU A 121 15.14 -15.40 -8.38
C LEU A 121 14.27 -16.61 -8.69
N VAL A 122 13.79 -16.69 -9.92
CA VAL A 122 12.97 -17.81 -10.36
C VAL A 122 13.78 -19.09 -10.30
N ASN A 123 15.00 -19.06 -10.82
CA ASN A 123 15.87 -20.25 -10.82
C ASN A 123 16.17 -20.69 -9.40
N GLU A 124 16.46 -19.71 -8.54
CA GLU A 124 16.78 -19.97 -7.15
C GLU A 124 15.67 -20.72 -6.42
N ILE A 125 14.43 -20.27 -6.57
CA ILE A 125 13.28 -20.91 -5.94
C ILE A 125 13.07 -22.32 -6.51
N GLU A 127 15.36 -24.39 -7.86
CA GLU A 127 16.46 -25.26 -7.44
C GLU A 127 16.43 -25.58 -5.94
N THR A 128 15.78 -24.73 -5.16
CA THR A 128 15.72 -24.92 -3.72
C THR A 128 14.38 -25.41 -3.15
N LEU A 129 13.30 -25.06 -3.83
CA LEU A 129 11.98 -25.42 -3.35
C LEU A 129 11.03 -26.16 -4.26
N ASP A 130 9.99 -26.68 -3.62
CA ASP A 130 8.90 -27.40 -4.24
C ASP A 130 7.74 -26.41 -4.09
N ALA A 131 7.76 -25.35 -4.90
CA ALA A 131 6.73 -24.33 -4.80
C ALA A 131 6.19 -23.87 -6.13
N GLU A 132 4.92 -23.47 -6.12
CA GLU A 132 4.27 -22.95 -7.30
C GLU A 132 4.81 -21.51 -7.40
N ILE A 133 5.10 -21.07 -8.62
CA ILE A 133 5.66 -19.75 -8.84
C ILE A 133 4.85 -18.78 -9.71
N ILE A 134 4.72 -17.54 -9.22
CA ILE A 134 4.06 -16.47 -9.97
C ILE A 134 5.13 -15.41 -10.11
N ALA A 135 5.47 -15.06 -11.34
CA ALA A 135 6.49 -14.05 -11.56
C ALA A 135 6.08 -12.99 -12.56
N ALA A 136 6.51 -11.76 -12.32
CA ALA A 136 6.17 -10.64 -13.22
C ALA A 136 7.08 -9.42 -13.03
N ARG A 137 7.33 -8.73 -14.13
CA ARG A 137 8.13 -7.52 -14.13
C ARG A 137 7.20 -6.38 -13.72
N ALA A 138 7.13 -6.11 -12.43
CA ALA A 138 6.25 -5.05 -11.94
C ALA A 138 6.86 -4.26 -10.80
N HIS A 139 6.66 -2.95 -10.84
CA HIS A 139 7.15 -2.08 -9.80
C HIS A 139 6.02 -1.25 -9.18
N HIS A 140 5.33 -0.47 -10.00
CA HIS A 140 4.23 0.36 -9.51
C HIS A 140 2.83 -0.06 -9.94
N ASN A 141 2.73 -0.77 -11.06
CA ASN A 141 1.42 -1.23 -11.55
C ASN A 141 1.25 -2.68 -11.08
N PRO A 142 0.24 -2.92 -10.22
CA PRO A 142 0.00 -4.27 -9.70
C PRO A 142 -0.70 -5.22 -10.66
N ALA A 143 -1.36 -4.67 -11.68
CA ALA A 143 -2.14 -5.46 -12.64
C ALA A 143 -1.62 -6.81 -13.10
N PRO A 144 -0.39 -6.90 -13.61
CA PRO A 144 0.14 -8.20 -14.07
C PRO A 144 0.10 -9.25 -12.98
N LEU A 145 0.61 -8.89 -11.81
CA LEU A 145 0.63 -9.80 -10.68
C LEU A 145 -0.77 -10.10 -10.21
N ARG A 146 -1.60 -9.07 -10.11
CA ARG A 146 -2.96 -9.24 -9.63
C ARG A 146 -3.75 -10.26 -10.45
N VAL A 147 -3.67 -10.15 -11.77
CA VAL A 147 -4.36 -11.07 -12.67
C VAL A 147 -3.82 -12.49 -12.49
N ARG A 148 -2.50 -12.62 -12.46
CA ARG A 148 -1.91 -13.94 -12.26
C ARG A 148 -2.26 -14.53 -10.89
N ILE A 149 -2.45 -13.69 -9.87
CA ILE A 149 -2.85 -14.17 -8.54
C ILE A 149 -4.31 -14.62 -8.59
N ASP A 150 -5.16 -13.85 -9.28
CA ASP A 150 -6.57 -14.23 -9.41
C ASP A 150 -6.71 -15.62 -10.03
N ARG A 151 -5.90 -15.86 -11.07
CA ARG A 151 -5.92 -17.13 -11.80
C ARG A 151 -5.51 -18.29 -10.90
N PHE A 152 -4.40 -18.12 -10.21
CA PHE A 152 -3.90 -19.12 -9.28
C PHE A 152 -5.00 -19.44 -8.26
N GLU A 154 -8.35 -19.05 -8.43
CA GLU A 154 -9.60 -19.67 -8.87
C GLU A 154 -9.51 -21.20 -8.92
N GLU A 155 -8.43 -21.78 -8.37
CA GLU A 155 -8.25 -23.23 -8.42
C GLU A 155 -7.27 -23.95 -7.50
N LYS A 156 -6.41 -23.24 -6.76
CA LYS A 156 -5.37 -23.92 -5.95
C LYS A 156 -5.41 -24.18 -4.40
N PRO A 157 -5.29 -23.11 -3.55
CA PRO A 157 -5.30 -23.27 -2.09
C PRO A 157 -6.44 -24.10 -1.45
N THR B 6 -18.99 16.57 8.41
CA THR B 6 -20.11 16.11 7.53
C THR B 6 -19.89 16.59 6.10
N GLY B 7 -20.21 15.73 5.13
CA GLY B 7 -20.02 16.09 3.74
C GLY B 7 -19.09 15.21 2.94
N LYS B 8 -18.49 15.80 1.92
CA LYS B 8 -17.60 15.08 1.02
C LYS B 8 -16.17 15.64 1.05
N ALA B 9 -15.21 14.74 0.86
CA ALA B 9 -13.80 15.12 0.85
C ALA B 9 -13.09 14.59 -0.38
N LEU B 10 -12.17 15.39 -0.91
CA LEU B 10 -11.40 14.96 -2.08
C LEU B 10 -9.95 14.74 -1.65
N VAL B 12 -6.23 13.82 -3.16
CA VAL B 12 -5.42 13.80 -4.38
C VAL B 12 -4.11 13.10 -4.10
N LEU B 13 -3.76 12.12 -4.93
CA LEU B 13 -2.51 11.38 -4.78
C LEU B 13 -1.51 11.71 -5.87
N GLY B 14 -0.23 11.59 -5.52
CA GLY B 14 0.84 11.83 -6.46
C GLY B 14 1.27 10.52 -7.08
N CYS B 15 2.28 10.56 -7.95
CA CYS B 15 2.74 9.33 -8.57
C CYS B 15 3.26 8.40 -7.46
N PRO B 16 2.95 7.12 -7.55
CA PRO B 16 3.40 6.18 -6.52
C PRO B 16 4.80 5.63 -6.77
N GLU B 17 5.74 6.00 -5.90
CA GLU B 17 7.11 5.51 -5.98
C GLU B 17 7.42 5.05 -4.57
N SER B 18 7.10 5.92 -3.62
CA SER B 18 7.32 5.66 -2.22
C SER B 18 6.26 4.73 -1.67
N PRO B 19 6.67 3.69 -0.95
CA PRO B 19 5.82 2.67 -0.33
C PRO B 19 4.83 3.23 0.69
N VAL B 20 5.13 4.38 1.31
CA VAL B 20 4.22 4.94 2.31
C VAL B 20 2.97 5.63 1.77
N GLN B 21 2.96 6.03 0.50
CA GLN B 21 1.83 6.79 -0.01
C GLN B 21 0.43 6.18 -0.01
N ILE B 22 0.25 5.12 -0.79
CA ILE B 22 -1.04 4.46 -0.89
C ILE B 22 -1.53 4.06 0.49
N PRO B 23 -0.69 3.42 1.30
CA PRO B 23 -1.13 3.03 2.65
C PRO B 23 -1.62 4.23 3.48
N LEU B 24 -0.85 5.32 3.44
CA LEU B 24 -1.24 6.51 4.20
C LEU B 24 -2.49 7.17 3.61
N ALA B 25 -2.66 7.06 2.30
CA ALA B 25 -3.83 7.64 1.62
C ALA B 25 -5.08 6.93 2.17
N ILE B 26 -5.00 5.61 2.25
CA ILE B 26 -6.10 4.83 2.78
C ILE B 26 -6.32 5.14 4.27
N TYR B 27 -5.24 5.19 5.04
CA TYR B 27 -5.35 5.49 6.46
C TYR B 27 -6.02 6.85 6.73
N THR B 28 -5.65 7.86 5.94
CA THR B 28 -6.18 9.21 6.07
C THR B 28 -7.65 9.23 5.67
N SER B 29 -7.97 8.49 4.61
CA SER B 29 -9.34 8.40 4.12
C SER B 29 -10.23 7.75 5.18
N HIS B 30 -9.75 6.67 5.77
CA HIS B 30 -10.46 5.99 6.84
C HIS B 30 -10.70 6.97 7.99
N LYS B 31 -9.68 7.76 8.34
CA LYS B 31 -9.82 8.76 9.41
C LYS B 31 -10.91 9.78 9.09
N LEU B 32 -10.98 10.22 7.83
CA LEU B 32 -12.00 11.18 7.39
C LEU B 32 -13.38 10.55 7.46
N LYS B 33 -13.47 9.28 7.07
CA LYS B 33 -14.74 8.55 7.08
C LYS B 33 -15.28 8.42 8.51
N LYS B 34 -14.38 8.26 9.49
CA LYS B 34 -14.82 8.16 10.87
C LYS B 34 -15.30 9.50 11.41
N LYS B 35 -15.19 10.55 10.58
CA LYS B 35 -15.67 11.88 10.96
C LYS B 35 -16.95 12.21 10.18
N GLY B 36 -17.43 11.26 9.39
CA GLY B 36 -18.65 11.49 8.64
C GLY B 36 -18.46 11.80 7.16
N PHE B 37 -17.23 12.10 6.76
CA PHE B 37 -16.94 12.41 5.37
C PHE B 37 -17.08 11.23 4.43
N ARG B 38 -17.45 11.53 3.19
CA ARG B 38 -17.53 10.53 2.13
C ARG B 38 -16.32 10.98 1.30
N VAL B 39 -15.35 10.11 1.06
CA VAL B 39 -14.17 10.55 0.34
C VAL B 39 -13.92 10.02 -1.05
N THR B 40 -13.50 10.94 -1.90
CA THR B 40 -13.21 10.59 -3.26
C THR B 40 -11.70 10.66 -3.47
N VAL B 41 -11.15 9.61 -4.04
CA VAL B 41 -9.72 9.54 -4.31
C VAL B 41 -9.51 9.86 -5.79
N THR B 42 -8.57 10.75 -6.07
CA THR B 42 -8.26 11.11 -7.48
C THR B 42 -6.75 10.96 -7.67
N ALA B 43 -6.35 10.21 -8.70
CA ALA B 43 -4.93 9.95 -8.94
C ALA B 43 -4.67 9.37 -10.35
N ASN B 44 -3.40 9.15 -10.69
CA ASN B 44 -3.08 8.58 -12.01
C ASN B 44 -3.51 7.10 -12.02
N PRO B 45 -3.45 6.43 -13.18
CA PRO B 45 -3.87 5.03 -13.24
C PRO B 45 -3.26 4.01 -12.26
N ALA B 46 -1.94 3.92 -12.18
CA ALA B 46 -1.31 2.96 -11.25
C ALA B 46 -1.70 3.23 -9.79
N ALA B 47 -1.69 4.50 -9.39
CA ALA B 47 -2.03 4.86 -8.02
C ALA B 47 -3.45 4.39 -7.66
N LEU B 48 -4.43 4.67 -8.52
CA LEU B 48 -5.81 4.21 -8.26
C LEU B 48 -5.88 2.68 -8.19
N ARG B 49 -5.09 2.00 -9.03
CA ARG B 49 -5.09 0.53 -9.02
C ARG B 49 -4.51 0.00 -7.73
N LEU B 50 -3.44 0.62 -7.27
CA LEU B 50 -2.83 0.20 -6.01
C LEU B 50 -3.83 0.33 -4.87
N VAL B 51 -4.66 1.39 -4.91
CA VAL B 51 -5.64 1.58 -3.86
C VAL B 51 -6.70 0.49 -3.94
N GLN B 52 -7.14 0.18 -5.17
CA GLN B 52 -8.17 -0.83 -5.37
C GLN B 52 -7.77 -2.22 -4.91
N VAL B 53 -6.51 -2.57 -5.10
CA VAL B 53 -6.06 -3.91 -4.65
C VAL B 53 -5.73 -3.94 -3.15
N ALA B 54 -5.32 -2.80 -2.59
CA ALA B 54 -5.01 -2.73 -1.15
C ALA B 54 -6.28 -2.74 -0.31
N ASP B 55 -7.38 -2.29 -0.90
CA ASP B 55 -8.69 -2.24 -0.25
C ASP B 55 -9.66 -2.84 -1.28
N PRO B 56 -9.55 -4.16 -1.54
CA PRO B 56 -10.39 -4.83 -2.53
C PRO B 56 -11.90 -4.70 -2.39
N GLU B 57 -12.42 -4.57 -1.18
CA GLU B 57 -13.85 -4.40 -0.98
C GLU B 57 -14.34 -2.93 -0.92
N GLY B 58 -13.42 -1.97 -1.00
CA GLY B 58 -13.80 -0.56 -0.99
C GLY B 58 -14.42 -0.12 0.33
N ILE B 59 -13.80 -0.52 1.42
CA ILE B 59 -14.25 -0.21 2.77
C ILE B 59 -13.69 1.10 3.34
N TYR B 60 -12.51 1.50 2.88
CA TYR B 60 -11.88 2.73 3.36
C TYR B 60 -12.03 3.92 2.42
N THR B 61 -12.62 3.68 1.26
CA THR B 61 -12.81 4.72 0.24
C THR B 61 -14.24 4.65 -0.30
N ASP B 62 -14.73 5.76 -0.84
CA ASP B 62 -16.09 5.79 -1.37
C ASP B 62 -16.19 5.92 -2.87
N GLU B 63 -15.19 6.52 -3.48
CA GLU B 63 -15.20 6.70 -4.92
C GLU B 63 -13.80 7.03 -5.41
N VAL B 65 -11.64 8.56 -9.04
CA VAL B 65 -11.71 9.19 -10.34
C VAL B 65 -10.33 9.63 -10.81
N ASP B 66 -10.04 9.34 -12.08
CA ASP B 66 -8.78 9.70 -12.69
C ASP B 66 -8.58 11.22 -12.60
N LEU B 67 -7.33 11.65 -12.42
CA LEU B 67 -7.01 13.07 -12.28
C LEU B 67 -7.66 14.01 -13.29
N GLU B 68 -7.44 13.75 -14.58
CA GLU B 68 -7.99 14.63 -15.62
C GLU B 68 -9.51 14.66 -15.66
N SER B 69 -10.14 13.50 -15.42
CA SER B 69 -11.60 13.45 -15.42
C SER B 69 -12.15 14.27 -14.26
N CYS B 70 -11.45 14.22 -13.11
CA CYS B 70 -11.89 14.97 -11.96
C CYS B 70 -11.74 16.46 -12.27
N ILE B 71 -10.64 16.81 -12.95
CA ILE B 71 -10.37 18.18 -13.34
C ILE B 71 -11.46 18.68 -14.28
N ASN B 72 -11.99 17.77 -15.09
CA ASN B 72 -13.02 18.12 -16.04
C ASN B 72 -14.41 18.27 -15.48
N GLU B 73 -14.68 17.69 -14.31
CA GLU B 73 -16.02 17.79 -13.75
C GLU B 73 -16.13 18.53 -12.43
N LEU B 74 -15.00 18.87 -11.82
CA LEU B 74 -15.01 19.53 -10.52
C LEU B 74 -15.46 21.02 -10.54
N ALA B 75 -16.22 21.41 -9.51
CA ALA B 75 -16.68 22.80 -9.38
C ALA B 75 -16.73 23.15 -7.89
N GLU B 76 -16.68 24.45 -7.59
CA GLU B 76 -16.71 24.92 -6.21
C GLU B 76 -17.96 24.43 -5.52
N GLY B 77 -17.81 23.95 -4.28
CA GLY B 77 -18.94 23.43 -3.54
C GLY B 77 -19.12 21.93 -3.65
N ASP B 78 -18.28 21.25 -4.43
CA ASP B 78 -18.40 19.80 -4.55
C ASP B 78 -17.81 19.06 -3.34
N TYR B 79 -16.94 19.74 -2.60
CA TYR B 79 -16.29 19.15 -1.44
C TYR B 79 -16.03 20.21 -0.38
N GLU B 80 -16.08 19.81 0.88
CA GLU B 80 -15.80 20.72 1.99
C GLU B 80 -14.40 20.48 2.55
N PHE B 81 -13.73 19.46 2.05
CA PHE B 81 -12.38 19.18 2.50
C PHE B 81 -11.52 18.67 1.37
N LEU B 82 -10.29 19.15 1.31
CA LEU B 82 -9.37 18.77 0.28
C LEU B 82 -8.04 18.37 0.88
N ALA B 83 -7.58 17.17 0.55
CA ALA B 83 -6.32 16.65 1.03
C ALA B 83 -5.46 16.20 -0.13
N GLY B 84 -4.23 16.69 -0.17
CA GLY B 84 -3.34 16.31 -1.25
C GLY B 84 -1.97 15.82 -0.78
N PHE B 85 -1.58 14.65 -1.27
CA PHE B 85 -0.27 14.10 -0.99
C PHE B 85 0.66 14.72 -2.02
N VAL B 86 1.80 15.19 -1.54
CA VAL B 86 2.73 15.89 -2.40
C VAL B 86 4.18 15.40 -2.33
N PRO B 87 4.52 14.37 -3.10
CA PRO B 87 5.90 13.87 -3.10
C PRO B 87 6.78 14.62 -4.11
N ASN B 88 6.17 15.50 -4.91
CA ASN B 88 6.94 16.24 -5.93
C ASN B 88 6.20 17.42 -6.58
N ASP B 89 6.90 18.11 -7.48
CA ASP B 89 6.37 19.28 -8.17
C ASP B 89 5.05 19.03 -8.88
N ALA B 90 5.00 17.92 -9.63
CA ALA B 90 3.80 17.57 -10.37
C ALA B 90 2.62 17.44 -9.41
N ALA B 91 2.84 16.78 -8.28
CA ALA B 91 1.79 16.61 -7.28
C ALA B 91 1.38 17.96 -6.67
N ALA B 92 2.35 18.82 -6.38
CA ALA B 92 2.04 20.15 -5.82
C ALA B 92 1.16 20.98 -6.76
N ALA B 93 1.53 21.03 -8.04
CA ALA B 93 0.75 21.80 -9.03
C ALA B 93 -0.69 21.31 -9.12
N TYR B 94 -0.92 20.00 -9.05
CA TYR B 94 -2.29 19.48 -9.11
C TYR B 94 -3.10 19.94 -7.89
N LEU B 95 -2.48 19.88 -6.71
CA LEU B 95 -3.16 20.27 -5.49
C LEU B 95 -3.52 21.75 -5.56
N VAL B 96 -2.63 22.55 -6.11
CA VAL B 96 -2.87 23.99 -6.25
C VAL B 96 -4.08 24.17 -7.17
N THR B 97 -4.07 23.47 -8.30
CA THR B 97 -5.18 23.55 -9.25
C THR B 97 -6.50 23.15 -8.57
N PHE B 98 -6.49 22.00 -7.91
CA PHE B 98 -7.70 21.51 -7.24
C PHE B 98 -8.16 22.47 -6.16
N ALA B 99 -7.20 23.08 -5.47
CA ALA B 99 -7.53 24.01 -4.41
C ALA B 99 -8.19 25.26 -4.95
N GLY B 100 -7.72 25.75 -6.10
CA GLY B 100 -8.27 26.96 -6.68
C GLY B 100 -9.72 26.79 -7.07
N ILE B 101 -10.04 25.58 -7.52
CA ILE B 101 -11.40 25.27 -7.90
C ILE B 101 -12.33 25.10 -6.68
N LEU B 102 -11.88 24.33 -5.69
CA LEU B 102 -12.67 24.06 -4.48
C LEU B 102 -12.81 25.18 -3.45
N ASN B 103 -11.76 25.97 -3.25
CA ASN B 103 -11.80 27.09 -2.30
C ASN B 103 -12.34 26.62 -0.95
N THR B 104 -11.76 25.55 -0.42
CA THR B 104 -12.22 24.99 0.85
C THR B 104 -11.05 24.69 1.81
N GLU B 105 -11.36 24.06 2.94
CA GLU B 105 -10.32 23.69 3.92
C GLU B 105 -9.34 22.76 3.20
N THR B 106 -8.09 23.16 3.11
CA THR B 106 -7.11 22.36 2.38
C THR B 106 -5.95 21.86 3.23
N LEU B 107 -5.48 20.64 2.93
CA LEU B 107 -4.35 20.02 3.63
C LEU B 107 -3.34 19.44 2.64
N ALA B 108 -2.09 19.83 2.81
CA ALA B 108 -1.00 19.35 1.97
C ALA B 108 -0.13 18.43 2.83
N ILE B 109 0.08 17.20 2.37
CA ILE B 109 0.92 16.22 3.11
C ILE B 109 2.15 16.00 2.22
N ILE B 110 3.24 16.61 2.65
CA ILE B 110 4.48 16.60 1.90
C ILE B 110 5.45 15.61 2.47
N PHE B 111 6.12 14.88 1.59
CA PHE B 111 7.09 13.88 2.04
C PHE B 111 8.11 13.50 0.99
N ASP B 112 9.32 13.24 1.47
CA ASP B 112 10.46 12.82 0.66
C ASP B 112 11.56 12.60 1.71
N ARG B 113 12.59 11.84 1.38
CA ARG B 113 13.66 11.64 2.37
C ARG B 113 14.65 12.78 2.46
N ASP B 114 14.71 13.59 1.41
CA ASP B 114 15.61 14.73 1.38
C ASP B 114 14.95 15.97 1.98
N ALA B 115 15.55 16.50 3.04
CA ALA B 115 15.04 17.69 3.72
C ALA B 115 14.99 18.90 2.77
N ASP B 116 15.92 18.98 1.83
CA ASP B 116 15.95 20.08 0.87
C ASP B 116 14.73 20.03 -0.03
N VAL B 117 14.42 18.85 -0.56
CA VAL B 117 13.27 18.65 -1.44
C VAL B 117 11.98 19.03 -0.69
N LEU B 118 11.90 18.62 0.58
CA LEU B 118 10.74 18.95 1.40
C LEU B 118 10.60 20.45 1.56
N GLU B 119 11.74 21.09 1.81
CA GLU B 119 11.78 22.54 2.01
C GLU B 119 11.25 23.25 0.77
N GLU B 120 11.70 22.80 -0.40
CA GLU B 120 11.28 23.38 -1.67
C GLU B 120 9.77 23.21 -1.81
N LEU B 121 9.27 22.01 -1.53
CA LEU B 121 7.84 21.73 -1.61
C LEU B 121 7.05 22.55 -0.59
N VAL B 122 7.59 22.69 0.62
CA VAL B 122 6.92 23.45 1.67
C VAL B 122 6.79 24.90 1.19
N ASN B 123 7.90 25.48 0.74
CA ASN B 123 7.93 26.87 0.26
C ASN B 123 6.88 27.10 -0.81
N GLU B 124 6.87 26.24 -1.82
CA GLU B 124 5.94 26.30 -2.92
C GLU B 124 4.47 26.37 -2.50
N ILE B 125 4.09 25.51 -1.54
CA ILE B 125 2.71 25.46 -1.03
C ILE B 125 2.37 26.68 -0.19
N GLU B 127 3.70 29.73 -0.45
CA GLU B 127 3.66 30.88 -1.37
C GLU B 127 2.45 30.88 -2.31
N THR B 128 1.78 29.74 -2.43
CA THR B 128 0.66 29.65 -3.34
C THR B 128 -0.69 29.41 -2.66
N LEU B 129 -0.69 28.52 -1.69
CA LEU B 129 -1.92 28.16 -1.03
C LEU B 129 -2.13 28.57 0.41
N ASP B 130 -3.42 28.62 0.73
CA ASP B 130 -3.94 28.90 2.06
C ASP B 130 -4.23 27.45 2.45
N ALA B 131 -3.26 26.80 3.07
CA ALA B 131 -3.44 25.39 3.43
C ALA B 131 -2.57 24.94 4.57
N GLU B 132 -3.11 24.04 5.38
CA GLU B 132 -2.35 23.50 6.48
C GLU B 132 -1.32 22.51 5.91
N ILE B 133 -0.12 22.49 6.46
CA ILE B 133 0.94 21.62 5.98
C ILE B 133 1.46 20.57 6.97
N ILE B 134 1.59 19.34 6.50
CA ILE B 134 2.19 18.25 7.29
C ILE B 134 3.31 17.85 6.36
N ALA B 135 4.53 17.79 6.88
CA ALA B 135 5.68 17.43 6.08
C ALA B 135 6.63 16.61 6.92
N ALA B 136 7.09 15.49 6.36
CA ALA B 136 8.00 14.61 7.07
C ALA B 136 8.95 13.93 6.12
N ARG B 137 10.12 13.58 6.64
CA ARG B 137 11.13 12.88 5.87
C ARG B 137 10.77 11.40 6.05
N ALA B 138 10.20 10.81 5.01
CA ALA B 138 9.78 9.43 5.09
C ALA B 138 9.75 8.79 3.72
N HIS B 139 10.15 7.53 3.65
CA HIS B 139 10.11 6.80 2.40
C HIS B 139 9.41 5.46 2.55
N HIS B 140 9.87 4.64 3.50
CA HIS B 140 9.27 3.32 3.75
C HIS B 140 8.54 3.24 5.08
N ASN B 141 8.96 4.05 6.05
CA ASN B 141 8.33 4.05 7.38
C ASN B 141 7.24 5.10 7.42
N PRO B 142 5.99 4.67 7.58
CA PRO B 142 4.86 5.62 7.63
C PRO B 142 4.63 6.29 8.98
N ALA B 143 5.28 5.79 10.04
CA ALA B 143 5.10 6.30 11.40
C ALA B 143 5.08 7.81 11.56
N PRO B 144 6.15 8.51 11.12
CA PRO B 144 6.21 9.97 11.25
C PRO B 144 4.96 10.66 10.74
N LEU B 145 4.54 10.27 9.53
CA LEU B 145 3.36 10.86 8.92
C LEU B 145 2.05 10.45 9.60
N ARG B 146 1.94 9.17 9.96
CA ARG B 146 0.73 8.65 10.59
C ARG B 146 0.43 9.36 11.90
N VAL B 147 1.46 9.55 12.72
CA VAL B 147 1.31 10.25 14.00
C VAL B 147 0.83 11.69 13.78
N ARG B 148 1.49 12.39 12.87
CA ARG B 148 1.15 13.76 12.55
C ARG B 148 -0.25 13.89 11.96
N ILE B 149 -0.67 12.88 11.19
CA ILE B 149 -2.01 12.88 10.61
C ILE B 149 -3.02 12.63 11.74
N ASP B 150 -2.71 11.70 12.65
CA ASP B 150 -3.60 11.47 13.78
C ASP B 150 -3.84 12.78 14.53
N ARG B 151 -2.74 13.50 14.79
CA ARG B 151 -2.79 14.78 15.49
C ARG B 151 -3.67 15.79 14.76
N PHE B 152 -3.42 15.97 13.46
CA PHE B 152 -4.22 16.89 12.67
C PHE B 152 -5.69 16.53 12.79
N GLU B 154 -7.28 14.96 15.18
CA GLU B 154 -7.88 15.14 16.50
C GLU B 154 -8.64 16.46 16.61
N GLU B 155 -8.21 17.46 15.85
CA GLU B 155 -8.84 18.77 15.86
C GLU B 155 -9.55 19.08 14.55
N LYS B 156 -8.78 19.51 13.56
CA LYS B 156 -9.28 19.88 12.24
C LYS B 156 -10.10 18.82 11.52
N PRO B 157 -11.28 19.23 10.99
CA PRO B 157 -12.15 18.31 10.27
C PRO B 157 -11.57 17.92 8.91
#